data_2FQX
#
_entry.id   2FQX
#
_cell.length_a   55.855
_cell.length_b   68.950
_cell.length_c   69.898
_cell.angle_alpha   90.00
_cell.angle_beta   90.00
_cell.angle_gamma   90.00
#
_symmetry.space_group_name_H-M   'P 21 21 21'
#
loop_
_entity.id
_entity.type
_entity.pdbx_description
1 polymer 'Membrane lipoprotein tmpC'
2 non-polymer GUANOSINE
3 water water
#
_entity_poly.entity_id   1
_entity_poly.type   'polypeptide(L)'
_entity_poly.pdbx_seq_one_letter_code
;EGGDFVVGMVTDSGDIDDKSFNQQVWEGISRFAQENNAKCKYVTASTDAEYVPSLSAFADENMGLVVACGSFLVEAVIET
SARFPKQKFLVIDAVVQDRDNVVSAVFGQNEGSFLVGVAAALKAKEAGKSAVGFIVGMELGMMPLFEAGFEAGVKAVDPD
IQVVVEVANTFSDPQKGQALAAKLYDSGVNVIFQVAGGTGNGVIKEARDRRLNGQDVWVIGVDRDQYMDGVYDGSKSVVL
TSMVKRADVAAERISKMAYDGSFPGGQSIMFGLEDKAVGIPEENPNLSSAVMEKIRSFEEKIVSKEIVVPVRSARMMN
;
_entity_poly.pdbx_strand_id   A
#
loop_
_chem_comp.id
_chem_comp.type
_chem_comp.name
_chem_comp.formula
GMP non-polymer GUANOSINE 'C10 H13 N5 O5'
#
# COMPACT_ATOMS: atom_id res chain seq x y z
N GLY A 3 -21.26 21.97 13.49
CA GLY A 3 -22.47 21.11 13.33
C GLY A 3 -22.17 19.63 13.32
N ASP A 4 -20.92 19.25 13.06
CA ASP A 4 -20.57 17.84 13.02
C ASP A 4 -19.11 17.57 13.34
N PHE A 5 -18.82 16.34 13.74
CA PHE A 5 -17.44 15.94 13.98
C PHE A 5 -16.94 15.80 12.53
N VAL A 6 -15.79 16.41 12.22
CA VAL A 6 -15.29 16.37 10.85
C VAL A 6 -13.89 15.78 10.73
N VAL A 7 -13.69 14.88 9.77
CA VAL A 7 -12.36 14.32 9.51
C VAL A 7 -11.91 14.96 8.20
N GLY A 8 -10.73 15.58 8.22
CA GLY A 8 -10.20 16.23 7.04
C GLY A 8 -8.92 15.57 6.59
N MET A 9 -8.89 15.12 5.34
CA MET A 9 -7.72 14.44 4.79
C MET A 9 -6.89 15.37 3.91
N VAL A 10 -5.59 15.43 4.16
CA VAL A 10 -4.70 16.22 3.32
C VAL A 10 -3.90 15.18 2.57
N THR A 11 -3.96 15.19 1.24
CA THR A 11 -3.22 14.21 0.47
C THR A 11 -2.13 14.83 -0.42
N ASP A 12 -1.07 14.10 -0.71
CA ASP A 12 -0.03 14.66 -1.58
C ASP A 12 -0.35 14.29 -3.03
N SER A 13 -1.52 13.68 -3.19
CA SER A 13 -1.98 13.26 -4.51
C SER A 13 -3.31 13.87 -4.94
N GLY A 14 -3.39 14.26 -6.21
CA GLY A 14 -4.64 14.77 -6.71
C GLY A 14 -5.50 13.59 -7.19
N ASP A 15 -5.53 12.48 -6.43
CA ASP A 15 -6.29 11.31 -6.86
C ASP A 15 -6.89 10.35 -5.83
N ILE A 16 -8.11 10.63 -5.37
CA ILE A 16 -8.75 9.73 -4.43
C ILE A 16 -9.42 8.59 -5.21
N ASP A 17 -9.23 8.59 -6.53
CA ASP A 17 -9.79 7.53 -7.36
C ASP A 17 -8.64 6.75 -8.00
N ASP A 18 -7.53 6.65 -7.26
CA ASP A 18 -6.34 5.97 -7.76
C ASP A 18 -6.44 4.44 -7.79
N LYS A 19 -7.62 3.90 -7.48
CA LYS A 19 -7.87 2.44 -7.44
C LYS A 19 -6.91 1.72 -6.53
N SER A 20 -6.31 2.45 -5.59
CA SER A 20 -5.36 1.82 -4.68
C SER A 20 -5.28 2.55 -3.33
N PHE A 21 -4.11 3.08 -3.02
CA PHE A 21 -3.89 3.70 -1.71
C PHE A 21 -4.75 4.87 -1.27
N ASN A 22 -4.76 5.95 -2.03
CA ASN A 22 -5.56 7.10 -1.61
C ASN A 22 -7.06 6.75 -1.62
N GLN A 23 -7.44 5.85 -2.53
CA GLN A 23 -8.82 5.42 -2.58
C GLN A 23 -9.17 4.65 -1.29
N GLN A 24 -8.28 3.78 -0.81
CA GLN A 24 -8.56 3.02 0.42
C GLN A 24 -8.70 3.98 1.62
N VAL A 25 -7.78 4.93 1.75
CA VAL A 25 -7.83 5.84 2.89
C VAL A 25 -9.12 6.65 2.89
N TRP A 26 -9.46 7.23 1.74
CA TRP A 26 -10.69 8.01 1.65
C TRP A 26 -11.92 7.14 1.91
N GLU A 27 -11.88 5.90 1.43
CA GLU A 27 -13.02 5.01 1.66
C GLU A 27 -13.23 4.73 3.14
N GLY A 28 -12.13 4.59 3.88
CA GLY A 28 -12.23 4.33 5.30
C GLY A 28 -12.76 5.54 6.04
N ILE A 29 -12.27 6.73 5.67
CA ILE A 29 -12.73 7.95 6.33
C ILE A 29 -14.21 8.12 6.02
N SER A 30 -14.57 7.85 4.77
CA SER A 30 -15.96 7.99 4.33
C SER A 30 -16.86 6.99 5.06
N ARG A 31 -16.38 5.77 5.29
CA ARG A 31 -17.24 4.81 5.99
C ARG A 31 -17.44 5.28 7.42
N PHE A 32 -16.38 5.82 8.02
CA PHE A 32 -16.52 6.28 9.39
C PHE A 32 -17.57 7.37 9.47
N ALA A 33 -17.52 8.32 8.56
CA ALA A 33 -18.46 9.43 8.59
C ALA A 33 -19.90 8.97 8.37
N GLN A 34 -20.09 8.11 7.37
CA GLN A 34 -21.41 7.61 7.08
C GLN A 34 -22.01 6.86 8.28
N GLU A 35 -21.23 5.97 8.87
CA GLU A 35 -21.69 5.15 9.99
C GLU A 35 -21.88 5.87 11.31
N ASN A 36 -21.25 7.01 11.47
CA ASN A 36 -21.35 7.75 12.73
C ASN A 36 -22.05 9.08 12.62
N ASN A 37 -22.76 9.28 11.53
CA ASN A 37 -23.48 10.52 11.29
C ASN A 37 -22.51 11.70 11.36
N ALA A 38 -21.31 11.53 10.79
CA ALA A 38 -20.32 12.59 10.82
C ALA A 38 -19.99 13.10 9.42
N LYS A 39 -18.95 13.92 9.28
CA LYS A 39 -18.60 14.48 7.97
C LYS A 39 -17.11 14.40 7.67
N CYS A 40 -16.79 14.56 6.40
CA CYS A 40 -15.41 14.50 5.99
C CYS A 40 -15.17 15.25 4.71
N LYS A 41 -13.92 15.67 4.54
CA LYS A 41 -13.53 16.39 3.34
C LYS A 41 -12.04 16.22 3.14
N TYR A 42 -11.55 16.62 1.99
CA TYR A 42 -10.13 16.52 1.73
C TYR A 42 -9.60 17.63 0.87
N VAL A 43 -8.30 17.81 0.94
CA VAL A 43 -7.63 18.82 0.14
C VAL A 43 -6.34 18.22 -0.40
N THR A 44 -5.97 18.62 -1.59
CA THR A 44 -4.77 18.12 -2.22
C THR A 44 -3.65 19.12 -2.05
N ALA A 45 -2.47 18.61 -1.71
CA ALA A 45 -1.30 19.45 -1.56
C ALA A 45 -0.25 18.86 -2.50
N SER A 46 -0.43 19.10 -3.80
CA SER A 46 0.47 18.60 -4.84
C SER A 46 1.94 18.90 -4.57
N THR A 47 2.23 20.14 -4.21
CA THR A 47 3.59 20.58 -3.95
C THR A 47 3.90 20.82 -2.48
N ASP A 48 5.20 20.74 -2.17
CA ASP A 48 5.75 20.93 -0.82
C ASP A 48 5.25 22.18 -0.11
N ALA A 49 5.35 23.29 -0.83
CA ALA A 49 4.96 24.59 -0.32
C ALA A 49 3.54 24.65 0.23
N GLU A 50 2.69 23.70 -0.20
CA GLU A 50 1.32 23.66 0.26
C GLU A 50 1.12 22.74 1.49
N TYR A 51 2.13 21.98 1.89
CA TYR A 51 1.95 21.08 3.04
C TYR A 51 1.59 21.80 4.33
N VAL A 52 2.41 22.76 4.73
CA VAL A 52 2.14 23.47 5.98
C VAL A 52 0.84 24.26 5.98
N PRO A 53 0.59 25.06 4.93
CA PRO A 53 -0.68 25.80 4.98
C PRO A 53 -1.94 24.94 4.93
N SER A 54 -1.84 23.79 4.29
CA SER A 54 -2.98 22.89 4.18
C SER A 54 -3.31 22.26 5.53
N LEU A 55 -2.28 21.82 6.25
CA LEU A 55 -2.51 21.22 7.57
C LEU A 55 -2.99 22.31 8.54
N SER A 56 -2.39 23.50 8.42
CA SER A 56 -2.77 24.62 9.29
C SER A 56 -4.23 25.04 9.13
N ALA A 57 -4.72 25.12 7.89
CA ALA A 57 -6.10 25.51 7.66
C ALA A 57 -7.08 24.55 8.32
N PHE A 58 -6.82 23.24 8.22
CA PHE A 58 -7.71 22.27 8.82
C PHE A 58 -7.61 22.43 10.34
N ALA A 59 -6.41 22.67 10.86
CA ALA A 59 -6.25 22.86 12.30
C ALA A 59 -7.04 24.12 12.74
N ASP A 60 -7.04 25.15 11.90
CA ASP A 60 -7.76 26.37 12.24
C ASP A 60 -9.29 26.19 12.21
N GLU A 61 -9.76 25.09 11.63
CA GLU A 61 -11.18 24.81 11.57
C GLU A 61 -11.62 23.89 12.71
N ASN A 62 -10.71 23.64 13.63
CA ASN A 62 -10.98 22.76 14.77
C ASN A 62 -11.67 21.48 14.35
N MET A 63 -11.03 20.73 13.45
CA MET A 63 -11.60 19.47 13.02
C MET A 63 -11.40 18.38 14.05
N GLY A 64 -12.26 17.36 13.98
CA GLY A 64 -12.16 16.24 14.90
C GLY A 64 -10.85 15.50 14.69
N LEU A 65 -10.45 15.33 13.44
CA LEU A 65 -9.19 14.66 13.12
C LEU A 65 -8.65 15.13 11.79
N VAL A 66 -7.34 15.37 11.72
CA VAL A 66 -6.68 15.73 10.46
C VAL A 66 -5.87 14.48 10.06
N VAL A 67 -6.09 13.98 8.85
CA VAL A 67 -5.37 12.78 8.39
C VAL A 67 -4.41 13.17 7.28
N ALA A 68 -3.14 12.75 7.42
CA ALA A 68 -2.10 13.05 6.43
C ALA A 68 -1.32 11.75 6.11
N CYS A 69 -1.04 11.46 4.84
CA CYS A 69 -0.30 10.24 4.52
C CYS A 69 1.06 10.41 3.83
N GLY A 70 1.99 9.52 4.13
CA GLY A 70 3.26 9.56 3.43
C GLY A 70 4.44 10.32 3.99
N SER A 71 5.59 10.05 3.40
N SER A 71 5.59 10.05 3.40
CA SER A 71 6.84 10.67 3.80
CA SER A 71 6.85 10.66 3.81
C SER A 71 6.99 12.12 3.34
C SER A 71 6.99 12.11 3.35
N PHE A 72 6.14 12.55 2.42
CA PHE A 72 6.24 13.90 1.93
C PHE A 72 5.59 14.84 2.90
N LEU A 73 4.53 14.39 3.56
CA LEU A 73 3.82 15.24 4.51
C LEU A 73 4.27 15.14 5.95
N VAL A 74 5.07 14.13 6.28
CA VAL A 74 5.43 13.99 7.67
C VAL A 74 6.16 15.16 8.33
N GLU A 75 7.13 15.75 7.66
CA GLU A 75 7.85 16.90 8.26
C GLU A 75 6.84 18.03 8.60
N ALA A 76 5.91 18.29 7.69
CA ALA A 76 4.87 19.31 7.93
C ALA A 76 3.96 18.91 9.12
N VAL A 77 3.66 17.62 9.24
CA VAL A 77 2.84 17.19 10.37
C VAL A 77 3.61 17.34 11.69
N ILE A 78 4.89 17.00 11.68
CA ILE A 78 5.70 17.09 12.87
C ILE A 78 5.68 18.51 13.37
N GLU A 79 5.84 19.45 12.45
CA GLU A 79 5.88 20.86 12.85
C GLU A 79 4.53 21.41 13.24
N THR A 80 3.53 21.12 12.42
CA THR A 80 2.18 21.60 12.64
C THR A 80 1.55 21.05 13.91
N SER A 81 1.80 19.78 14.21
CA SER A 81 1.23 19.20 15.40
C SER A 81 1.76 19.88 16.68
N ALA A 82 2.99 20.37 16.64
CA ALA A 82 3.55 21.07 17.81
C ALA A 82 2.90 22.45 17.96
N ARG A 83 2.56 23.07 16.82
CA ARG A 83 1.89 24.39 16.83
C ARG A 83 0.43 24.32 17.26
N PHE A 84 -0.22 23.18 17.04
CA PHE A 84 -1.64 23.01 17.40
C PHE A 84 -1.73 21.80 18.30
N PRO A 85 -1.22 21.90 19.53
CA PRO A 85 -1.25 20.77 20.47
C PRO A 85 -2.60 20.15 20.81
N LYS A 86 -3.68 20.89 20.59
CA LYS A 86 -5.01 20.37 20.91
C LYS A 86 -5.71 19.79 19.69
N GLN A 87 -5.04 19.78 18.54
CA GLN A 87 -5.64 19.22 17.33
C GLN A 87 -5.09 17.82 17.17
N LYS A 88 -5.96 16.85 16.89
N LYS A 88 -5.97 16.85 16.88
CA LYS A 88 -5.52 15.47 16.70
CA LYS A 88 -5.54 15.48 16.69
C LYS A 88 -5.15 15.24 15.24
C LYS A 88 -5.16 15.23 15.24
N PHE A 89 -4.07 14.49 15.03
CA PHE A 89 -3.60 14.17 13.69
C PHE A 89 -3.34 12.70 13.57
N LEU A 90 -3.65 12.16 12.40
CA LEU A 90 -3.33 10.77 12.10
C LEU A 90 -2.42 10.76 10.89
N VAL A 91 -1.25 10.13 11.03
N VAL A 91 -1.26 10.11 11.02
CA VAL A 91 -0.34 10.00 9.88
CA VAL A 91 -0.33 9.99 9.90
C VAL A 91 -0.35 8.54 9.47
C VAL A 91 -0.34 8.52 9.47
N ILE A 92 -0.47 8.30 8.17
CA ILE A 92 -0.45 6.94 7.64
C ILE A 92 0.81 6.76 6.79
N ASP A 93 1.47 5.61 6.93
CA ASP A 93 2.72 5.32 6.20
C ASP A 93 3.92 6.14 6.62
N ALA A 94 3.91 6.68 7.82
CA ALA A 94 5.07 7.44 8.28
C ALA A 94 5.01 7.43 9.79
N VAL A 95 6.11 7.80 10.42
CA VAL A 95 6.19 7.75 11.86
C VAL A 95 6.53 9.09 12.48
N VAL A 96 5.76 9.49 13.48
CA VAL A 96 6.02 10.73 14.21
C VAL A 96 6.31 10.40 15.67
N GLN A 97 7.35 11.01 16.24
CA GLN A 97 7.66 10.75 17.64
C GLN A 97 7.47 12.05 18.42
N ASP A 98 7.38 11.92 19.74
CA ASP A 98 7.29 13.07 20.63
C ASP A 98 6.11 14.02 20.43
N ARG A 99 4.97 13.52 19.94
CA ARG A 99 3.78 14.35 19.76
C ARG A 99 2.63 13.53 20.33
N ASP A 100 2.12 13.95 21.48
N ASP A 100 2.13 13.94 21.48
CA ASP A 100 1.04 13.21 22.10
CA ASP A 100 1.04 13.21 22.13
C ASP A 100 -0.32 13.44 21.44
C ASP A 100 -0.29 13.38 21.37
N ASN A 101 -0.34 14.30 20.42
CA ASN A 101 -1.58 14.56 19.66
C ASN A 101 -1.52 13.91 18.27
N VAL A 102 -0.52 13.08 18.04
CA VAL A 102 -0.36 12.40 16.74
C VAL A 102 -0.34 10.89 16.87
N VAL A 103 -1.09 10.22 16.00
CA VAL A 103 -1.07 8.76 15.98
C VAL A 103 -0.44 8.39 14.65
N SER A 104 0.46 7.41 14.64
CA SER A 104 1.14 7.00 13.41
C SER A 104 0.71 5.57 13.11
N ALA A 105 0.12 5.36 11.94
CA ALA A 105 -0.33 4.03 11.56
C ALA A 105 0.63 3.51 10.53
N VAL A 106 1.32 2.40 10.82
CA VAL A 106 2.27 1.87 9.84
C VAL A 106 1.84 0.45 9.51
N PHE A 107 2.26 -0.04 8.35
CA PHE A 107 1.85 -1.37 7.91
C PHE A 107 3.01 -2.36 7.72
N GLY A 108 2.80 -3.60 8.15
CA GLY A 108 3.84 -4.62 7.99
C GLY A 108 3.77 -5.12 6.56
N GLN A 109 3.96 -4.19 5.63
CA GLN A 109 3.85 -4.53 4.21
C GLN A 109 4.97 -5.45 3.75
N ASN A 110 6.07 -5.55 4.52
CA ASN A 110 7.09 -6.55 4.12
C ASN A 110 6.51 -7.96 4.36
N GLU A 111 5.76 -8.15 5.44
CA GLU A 111 5.15 -9.46 5.72
C GLU A 111 4.14 -9.84 4.66
N GLY A 112 3.26 -8.91 4.29
CA GLY A 112 2.28 -9.24 3.27
C GLY A 112 2.95 -9.47 1.92
N SER A 113 3.98 -8.69 1.61
CA SER A 113 4.68 -8.85 0.34
C SER A 113 5.40 -10.20 0.26
N PHE A 114 5.77 -10.74 1.42
CA PHE A 114 6.41 -12.08 1.41
C PHE A 114 5.41 -13.08 0.76
N LEU A 115 4.15 -12.97 1.15
CA LEU A 115 3.14 -13.89 0.63
C LEU A 115 2.99 -13.78 -0.89
N VAL A 116 2.97 -12.56 -1.46
CA VAL A 116 2.84 -12.52 -2.89
C VAL A 116 4.15 -12.90 -3.60
N GLY A 117 5.26 -12.82 -2.87
CA GLY A 117 6.52 -13.27 -3.45
C GLY A 117 6.46 -14.78 -3.63
N VAL A 118 5.86 -15.48 -2.68
CA VAL A 118 5.72 -16.93 -2.81
C VAL A 118 4.86 -17.21 -4.04
N ALA A 119 3.73 -16.50 -4.16
CA ALA A 119 2.87 -16.72 -5.33
C ALA A 119 3.61 -16.45 -6.65
N ALA A 120 4.39 -15.37 -6.67
CA ALA A 120 5.10 -15.00 -7.88
C ALA A 120 6.13 -16.05 -8.26
N ALA A 121 6.88 -16.53 -7.28
CA ALA A 121 7.93 -17.51 -7.52
C ALA A 121 7.32 -18.82 -8.01
N LEU A 122 6.19 -19.20 -7.44
CA LEU A 122 5.57 -20.45 -7.91
C LEU A 122 5.02 -20.34 -9.33
N LYS A 123 4.43 -19.19 -9.68
CA LYS A 123 3.90 -19.02 -11.03
C LYS A 123 5.05 -18.90 -12.03
N ALA A 124 6.15 -18.28 -11.64
CA ALA A 124 7.30 -18.14 -12.53
C ALA A 124 7.91 -19.52 -12.82
N LYS A 125 8.05 -20.33 -11.77
CA LYS A 125 8.61 -21.68 -11.91
C LYS A 125 7.73 -22.52 -12.80
N GLU A 126 6.44 -22.27 -12.72
CA GLU A 126 5.48 -23.01 -13.53
C GLU A 126 5.77 -22.80 -15.00
N ALA A 127 6.34 -21.64 -15.34
CA ALA A 127 6.64 -21.31 -16.72
C ALA A 127 8.12 -21.42 -17.03
N GLY A 128 8.89 -21.99 -16.11
CA GLY A 128 10.33 -22.13 -16.29
C GLY A 128 11.10 -20.82 -16.28
N LYS A 129 10.56 -19.80 -15.63
CA LYS A 129 11.21 -18.49 -15.57
C LYS A 129 12.08 -18.38 -14.34
N SER A 130 13.22 -17.71 -14.46
CA SER A 130 14.08 -17.57 -13.29
C SER A 130 14.25 -16.10 -12.87
N ALA A 131 13.29 -15.28 -13.27
CA ALA A 131 13.28 -13.88 -12.87
C ALA A 131 11.83 -13.41 -12.77
N VAL A 132 11.56 -12.50 -11.83
CA VAL A 132 10.24 -11.91 -11.69
C VAL A 132 10.48 -10.40 -11.63
N GLY A 133 9.45 -9.62 -11.97
CA GLY A 133 9.60 -8.17 -11.95
C GLY A 133 8.98 -7.52 -10.74
N PHE A 134 9.42 -6.30 -10.45
CA PHE A 134 8.92 -5.53 -9.32
C PHE A 134 9.01 -4.05 -9.72
N ILE A 135 7.89 -3.35 -9.69
CA ILE A 135 7.86 -1.93 -10.04
C ILE A 135 7.33 -1.16 -8.83
N VAL A 136 8.15 -0.24 -8.32
CA VAL A 136 7.75 0.49 -7.14
C VAL A 136 7.64 1.99 -7.43
N GLY A 137 6.63 2.62 -6.86
CA GLY A 137 6.38 4.05 -7.14
C GLY A 137 7.51 4.98 -6.75
N MET A 138 8.00 4.81 -5.53
CA MET A 138 9.10 5.61 -5.00
C MET A 138 9.71 4.78 -3.88
N GLU A 139 10.93 5.10 -3.47
CA GLU A 139 11.59 4.32 -2.41
C GLU A 139 11.79 5.05 -1.09
N LEU A 140 11.18 6.23 -0.96
N LEU A 140 11.18 6.23 -0.96
CA LEU A 140 11.31 7.01 0.26
CA LEU A 140 11.32 7.01 0.27
C LEU A 140 10.54 6.33 1.39
C LEU A 140 10.55 6.34 1.39
N GLY A 141 10.83 6.75 2.62
CA GLY A 141 10.10 6.23 3.77
C GLY A 141 10.06 4.73 3.98
N MET A 142 8.85 4.19 4.23
N MET A 142 8.87 4.21 4.22
CA MET A 142 8.67 2.77 4.49
CA MET A 142 8.69 2.78 4.49
C MET A 142 8.53 1.94 3.21
C MET A 142 8.53 1.94 3.21
N MET A 143 8.58 2.60 2.06
CA MET A 143 8.42 1.88 0.80
C MET A 143 9.34 0.68 0.60
N PRO A 144 10.62 0.76 1.00
CA PRO A 144 11.54 -0.39 0.80
C PRO A 144 11.05 -1.70 1.44
N LEU A 145 10.10 -1.62 2.37
CA LEU A 145 9.58 -2.85 3.00
C LEU A 145 8.94 -3.78 1.95
N PHE A 146 8.31 -3.20 0.92
CA PHE A 146 7.64 -4.06 -0.07
C PHE A 146 8.66 -4.93 -0.78
N GLU A 147 9.74 -4.32 -1.27
CA GLU A 147 10.74 -5.13 -1.99
C GLU A 147 11.42 -6.13 -1.06
N ALA A 148 11.66 -5.72 0.18
CA ALA A 148 12.33 -6.61 1.12
C ALA A 148 11.52 -7.90 1.33
N GLY A 149 10.22 -7.74 1.52
CA GLY A 149 9.38 -8.90 1.76
C GLY A 149 9.16 -9.70 0.50
N PHE A 150 8.96 -9.01 -0.62
CA PHE A 150 8.71 -9.70 -1.89
C PHE A 150 9.92 -10.58 -2.20
N GLU A 151 11.11 -10.01 -2.09
CA GLU A 151 12.33 -10.77 -2.36
C GLU A 151 12.43 -11.98 -1.43
N ALA A 152 12.12 -11.77 -0.16
CA ALA A 152 12.21 -12.84 0.83
C ALA A 152 11.24 -14.00 0.49
N GLY A 153 10.04 -13.65 0.06
CA GLY A 153 9.08 -14.69 -0.30
C GLY A 153 9.53 -15.44 -1.55
N VAL A 154 10.05 -14.72 -2.53
CA VAL A 154 10.54 -15.35 -3.76
C VAL A 154 11.64 -16.34 -3.40
N LYS A 155 12.61 -15.88 -2.59
CA LYS A 155 13.75 -16.72 -2.21
C LYS A 155 13.35 -17.91 -1.37
N ALA A 156 12.28 -17.78 -0.60
CA ALA A 156 11.84 -18.89 0.25
C ALA A 156 11.37 -20.06 -0.63
N VAL A 157 10.92 -19.74 -1.84
CA VAL A 157 10.46 -20.78 -2.78
C VAL A 157 11.64 -21.28 -3.61
N ASP A 158 12.41 -20.36 -4.19
CA ASP A 158 13.56 -20.75 -4.99
C ASP A 158 14.61 -19.62 -4.98
N PRO A 159 15.74 -19.83 -4.29
CA PRO A 159 16.84 -18.86 -4.17
C PRO A 159 17.48 -18.39 -5.49
N ASP A 160 17.29 -19.14 -6.55
CA ASP A 160 17.89 -18.79 -7.83
C ASP A 160 17.04 -17.83 -8.65
N ILE A 161 15.79 -17.61 -8.25
CA ILE A 161 14.97 -16.66 -9.00
C ILE A 161 15.39 -15.24 -8.64
N GLN A 162 15.65 -14.42 -9.66
CA GLN A 162 16.10 -13.05 -9.44
C GLN A 162 14.91 -12.10 -9.48
N VAL A 163 14.97 -11.03 -8.70
CA VAL A 163 13.94 -10.00 -8.72
C VAL A 163 14.53 -8.82 -9.48
N VAL A 164 13.82 -8.34 -10.50
CA VAL A 164 14.32 -7.23 -11.33
C VAL A 164 13.47 -6.03 -10.94
N VAL A 165 14.13 -5.01 -10.42
CA VAL A 165 13.46 -3.83 -9.91
C VAL A 165 13.48 -2.60 -10.82
N GLU A 166 12.33 -1.93 -10.96
CA GLU A 166 12.24 -0.67 -11.69
C GLU A 166 11.54 0.32 -10.75
N VAL A 167 12.04 1.56 -10.68
CA VAL A 167 11.44 2.57 -9.80
C VAL A 167 10.85 3.66 -10.70
N ALA A 168 9.56 3.97 -10.53
CA ALA A 168 8.92 4.98 -11.38
C ALA A 168 9.19 6.39 -10.94
N ASN A 169 9.41 6.55 -9.65
CA ASN A 169 9.57 7.85 -9.01
C ASN A 169 8.38 8.76 -9.12
N THR A 170 7.22 8.13 -9.03
CA THR A 170 5.95 8.86 -9.06
C THR A 170 4.83 7.85 -8.83
N PHE A 171 3.78 8.30 -8.14
CA PHE A 171 2.60 7.46 -7.87
C PHE A 171 1.43 7.92 -8.72
N SER A 172 1.66 8.87 -9.63
N SER A 172 1.67 8.88 -9.61
CA SER A 172 0.57 9.43 -10.41
CA SER A 172 0.56 9.44 -10.40
C SER A 172 0.81 9.48 -11.91
C SER A 172 0.82 9.49 -11.91
N ASP A 173 1.56 8.52 -12.44
CA ASP A 173 1.86 8.54 -13.88
C ASP A 173 1.69 7.17 -14.52
N PRO A 174 0.45 6.81 -14.89
CA PRO A 174 0.16 5.50 -15.50
C PRO A 174 0.96 5.26 -16.80
N GLN A 175 1.27 6.35 -17.50
CA GLN A 175 2.06 6.24 -18.73
C GLN A 175 3.42 5.63 -18.38
N LYS A 176 4.00 6.10 -17.27
CA LYS A 176 5.31 5.59 -16.84
C LYS A 176 5.15 4.15 -16.39
N GLY A 177 4.04 3.87 -15.71
CA GLY A 177 3.77 2.51 -15.24
C GLY A 177 3.74 1.56 -16.45
N GLN A 178 3.07 1.96 -17.52
CA GLN A 178 2.98 1.07 -18.69
C GLN A 178 4.34 0.89 -19.34
N ALA A 179 5.10 1.98 -19.45
CA ALA A 179 6.43 1.91 -20.07
C ALA A 179 7.34 0.98 -19.26
N LEU A 180 7.31 1.10 -17.94
CA LEU A 180 8.20 0.24 -17.14
C LEU A 180 7.76 -1.21 -17.18
N ALA A 181 6.46 -1.43 -17.26
CA ALA A 181 5.94 -2.78 -17.31
C ALA A 181 6.35 -3.35 -18.66
N ALA A 182 6.28 -2.52 -19.71
CA ALA A 182 6.65 -3.00 -21.05
C ALA A 182 8.10 -3.43 -21.06
N LYS A 183 8.95 -2.64 -20.43
CA LYS A 183 10.38 -2.95 -20.37
C LYS A 183 10.61 -4.28 -19.70
N LEU A 184 9.93 -4.52 -18.58
CA LEU A 184 10.10 -5.81 -17.88
C LEU A 184 9.56 -6.99 -18.68
N TYR A 185 8.32 -6.88 -19.17
CA TYR A 185 7.77 -7.97 -19.95
C TYR A 185 8.60 -8.23 -21.21
N ASP A 186 9.08 -7.16 -21.85
CA ASP A 186 9.92 -7.33 -23.04
C ASP A 186 11.22 -8.09 -22.74
N SER A 187 11.66 -8.07 -21.46
CA SER A 187 12.88 -8.81 -21.10
C SER A 187 12.64 -10.29 -20.86
N GLY A 188 11.39 -10.73 -20.88
CA GLY A 188 11.09 -12.14 -20.67
C GLY A 188 10.44 -12.50 -19.33
N VAL A 189 10.28 -11.53 -18.47
CA VAL A 189 9.63 -11.72 -17.19
C VAL A 189 8.14 -12.04 -17.44
N ASN A 190 7.53 -12.92 -16.65
CA ASN A 190 6.10 -13.18 -16.84
C ASN A 190 5.25 -12.78 -15.62
N VAL A 191 5.89 -12.32 -14.54
CA VAL A 191 5.14 -11.86 -13.38
C VAL A 191 5.73 -10.55 -12.89
N ILE A 192 4.89 -9.54 -12.63
CA ILE A 192 5.39 -8.26 -12.09
C ILE A 192 4.53 -7.91 -10.89
N PHE A 193 5.17 -7.61 -9.76
CA PHE A 193 4.44 -7.12 -8.60
C PHE A 193 4.51 -5.59 -8.70
N GLN A 194 3.36 -4.91 -8.72
CA GLN A 194 3.39 -3.45 -8.81
C GLN A 194 2.99 -2.84 -7.46
N VAL A 195 3.80 -1.89 -6.96
CA VAL A 195 3.55 -1.21 -5.69
C VAL A 195 3.73 0.23 -6.08
N ALA A 196 2.78 0.73 -6.87
CA ALA A 196 2.95 2.07 -7.43
C ALA A 196 1.72 2.98 -7.45
N GLY A 197 0.74 2.69 -6.59
CA GLY A 197 -0.42 3.58 -6.55
C GLY A 197 -1.01 3.78 -7.94
N GLY A 198 -1.38 5.03 -8.24
CA GLY A 198 -1.97 5.35 -9.53
C GLY A 198 -1.12 4.91 -10.72
N THR A 199 0.19 5.09 -10.61
CA THR A 199 1.10 4.66 -11.68
C THR A 199 0.88 3.17 -11.97
N GLY A 200 0.58 2.44 -10.90
CA GLY A 200 0.33 1.01 -11.05
C GLY A 200 -0.81 0.63 -11.98
N ASN A 201 -1.77 1.53 -12.18
CA ASN A 201 -2.88 1.22 -13.08
C ASN A 201 -2.41 1.06 -14.50
N GLY A 202 -1.28 1.71 -14.80
CA GLY A 202 -0.67 1.57 -16.12
C GLY A 202 0.03 0.22 -16.23
N VAL A 203 0.56 -0.31 -15.12
CA VAL A 203 1.20 -1.62 -15.17
C VAL A 203 0.13 -2.67 -15.44
N ILE A 204 -1.01 -2.52 -14.75
CA ILE A 204 -2.09 -3.47 -14.95
C ILE A 204 -2.59 -3.38 -16.39
N LYS A 205 -2.69 -2.16 -16.93
CA LYS A 205 -3.14 -2.00 -18.33
C LYS A 205 -2.21 -2.73 -19.28
N GLU A 206 -0.91 -2.52 -19.10
CA GLU A 206 0.05 -3.19 -19.98
C GLU A 206 -0.11 -4.70 -19.91
N ALA A 207 -0.28 -5.23 -18.69
CA ALA A 207 -0.47 -6.66 -18.53
C ALA A 207 -1.74 -7.11 -19.28
N ARG A 208 -2.83 -6.38 -19.14
CA ARG A 208 -4.05 -6.76 -19.85
C ARG A 208 -3.82 -6.79 -21.37
N ASP A 209 -3.14 -5.76 -21.86
CA ASP A 209 -2.88 -5.64 -23.30
C ASP A 209 -2.03 -6.82 -23.77
N ARG A 210 -1.05 -7.23 -22.98
CA ARG A 210 -0.21 -8.35 -23.40
C ARG A 210 -0.94 -9.69 -23.41
N ARG A 211 -1.73 -9.94 -22.38
CA ARG A 211 -2.45 -11.20 -22.31
C ARG A 211 -3.51 -11.32 -23.40
N LEU A 212 -4.13 -10.19 -23.72
CA LEU A 212 -5.16 -10.12 -24.74
C LEU A 212 -4.60 -10.69 -26.02
N ASN A 213 -3.32 -10.43 -26.28
N ASN A 213 -3.32 -10.43 -26.28
CA ASN A 213 -2.68 -10.93 -27.49
CA ASN A 213 -2.68 -10.93 -27.49
C ASN A 213 -1.82 -12.17 -27.28
C ASN A 213 -1.82 -12.17 -27.28
N GLY A 214 -2.26 -13.06 -26.39
CA GLY A 214 -1.53 -14.30 -26.17
C GLY A 214 -0.21 -14.40 -25.43
N GLN A 215 0.23 -13.33 -24.76
CA GLN A 215 1.50 -13.41 -24.00
C GLN A 215 1.08 -13.84 -22.61
N ASP A 216 1.70 -14.91 -22.11
CA ASP A 216 1.33 -15.44 -20.83
C ASP A 216 1.96 -14.65 -19.69
N VAL A 217 1.46 -13.45 -19.45
CA VAL A 217 1.99 -12.60 -18.36
C VAL A 217 0.99 -12.39 -17.23
N TRP A 218 1.51 -11.92 -16.10
CA TRP A 218 0.70 -11.71 -14.92
C TRP A 218 1.15 -10.48 -14.17
N VAL A 219 0.27 -9.94 -13.36
CA VAL A 219 0.62 -8.81 -12.51
C VAL A 219 0.04 -9.10 -11.12
N ILE A 220 0.70 -8.59 -10.06
CA ILE A 220 0.21 -8.75 -8.69
C ILE A 220 -0.10 -7.32 -8.28
N GLY A 221 -1.34 -7.12 -7.83
CA GLY A 221 -1.79 -5.78 -7.45
C GLY A 221 -1.39 -5.41 -6.04
N VAL A 222 -1.86 -4.24 -5.59
CA VAL A 222 -1.50 -3.76 -4.26
C VAL A 222 -2.62 -2.89 -3.71
N ASP A 223 -2.64 -2.75 -2.38
CA ASP A 223 -3.57 -1.92 -1.60
C ASP A 223 -4.98 -2.48 -1.55
N ARG A 224 -5.61 -2.60 -2.72
CA ARG A 224 -6.97 -3.15 -2.84
C ARG A 224 -6.86 -4.56 -3.48
N ASP A 225 -7.94 -5.34 -3.41
CA ASP A 225 -7.98 -6.59 -4.14
C ASP A 225 -8.25 -6.10 -5.58
N GLN A 226 -7.22 -6.06 -6.42
CA GLN A 226 -7.33 -5.57 -7.78
C GLN A 226 -7.67 -6.59 -8.87
N TYR A 227 -8.19 -7.73 -8.46
CA TYR A 227 -8.53 -8.78 -9.42
C TYR A 227 -9.41 -8.30 -10.58
N MET A 228 -10.49 -7.59 -10.29
CA MET A 228 -11.37 -7.19 -11.39
C MET A 228 -10.77 -6.16 -12.32
N ASP A 229 -9.84 -5.35 -11.80
CA ASP A 229 -9.15 -4.33 -12.56
C ASP A 229 -8.35 -4.98 -13.71
N GLY A 230 -8.05 -6.26 -13.59
CA GLY A 230 -7.27 -6.93 -14.61
C GLY A 230 -8.01 -7.81 -15.62
N VAL A 231 -9.35 -7.79 -15.59
CA VAL A 231 -10.13 -8.61 -16.54
C VAL A 231 -9.88 -8.11 -17.97
N TYR A 232 -9.42 -8.99 -18.86
CA TYR A 232 -9.05 -8.60 -20.20
C TYR A 232 -9.79 -9.24 -21.36
N ASP A 233 -10.57 -10.27 -21.10
CA ASP A 233 -11.25 -10.91 -22.22
C ASP A 233 -12.68 -11.24 -21.89
N GLY A 234 -13.20 -10.55 -20.88
CA GLY A 234 -14.58 -10.79 -20.51
C GLY A 234 -14.71 -11.78 -19.40
N SER A 235 -13.73 -12.67 -19.24
CA SER A 235 -13.79 -13.67 -18.19
C SER A 235 -12.52 -13.70 -17.33
N LYS A 236 -11.38 -13.91 -17.97
CA LYS A 236 -10.13 -14.03 -17.25
C LYS A 236 -9.45 -12.75 -16.82
N SER A 237 -8.67 -12.83 -15.75
CA SER A 237 -7.96 -11.63 -15.28
C SER A 237 -6.47 -11.90 -15.26
N VAL A 238 -5.69 -10.84 -15.51
N VAL A 238 -5.69 -10.84 -15.51
CA VAL A 238 -4.23 -10.94 -15.50
CA VAL A 238 -4.23 -10.94 -15.50
C VAL A 238 -3.66 -10.75 -14.09
C VAL A 238 -3.66 -10.75 -14.09
N VAL A 239 -4.54 -10.43 -13.14
CA VAL A 239 -4.09 -10.22 -11.76
C VAL A 239 -3.97 -11.58 -11.05
N LEU A 240 -2.73 -11.98 -10.79
CA LEU A 240 -2.44 -13.27 -10.14
C LEU A 240 -3.02 -13.26 -8.71
N THR A 241 -2.73 -12.19 -7.98
CA THR A 241 -3.27 -11.93 -6.64
C THR A 241 -2.94 -10.46 -6.32
N SER A 242 -3.19 -10.01 -5.09
CA SER A 242 -2.85 -8.62 -4.70
C SER A 242 -2.35 -8.59 -3.27
N MET A 243 -1.45 -7.65 -2.98
CA MET A 243 -0.97 -7.51 -1.62
C MET A 243 -1.89 -6.43 -1.02
N VAL A 244 -2.95 -6.89 -0.39
CA VAL A 244 -3.94 -6.01 0.20
C VAL A 244 -3.37 -5.28 1.42
N LYS A 245 -3.70 -3.99 1.57
CA LYS A 245 -3.18 -3.19 2.70
C LYS A 245 -4.35 -2.38 3.16
N ARG A 246 -4.89 -2.73 4.33
CA ARG A 246 -6.10 -2.09 4.82
C ARG A 246 -5.96 -0.72 5.48
N ALA A 247 -5.46 0.22 4.69
CA ALA A 247 -5.31 1.60 5.13
C ALA A 247 -6.72 2.16 5.41
N ASP A 248 -7.74 1.55 4.82
CA ASP A 248 -9.10 2.02 5.02
C ASP A 248 -9.53 1.71 6.45
N VAL A 249 -9.19 0.51 6.92
CA VAL A 249 -9.54 0.10 8.27
C VAL A 249 -8.78 0.93 9.29
N ALA A 250 -7.50 1.21 9.00
CA ALA A 250 -6.73 2.03 9.93
C ALA A 250 -7.39 3.41 10.03
N ALA A 251 -7.71 4.01 8.89
CA ALA A 251 -8.31 5.35 8.91
C ALA A 251 -9.67 5.32 9.60
N GLU A 252 -10.44 4.29 9.33
CA GLU A 252 -11.76 4.21 9.92
C GLU A 252 -11.71 4.03 11.42
N ARG A 253 -10.87 3.09 11.87
CA ARG A 253 -10.77 2.81 13.30
C ARG A 253 -10.22 3.93 14.16
N ILE A 254 -9.19 4.62 13.69
N ILE A 254 -9.19 4.62 13.69
CA ILE A 254 -8.57 5.69 14.46
CA ILE A 254 -8.57 5.69 14.46
C ILE A 254 -9.51 6.91 14.43
C ILE A 254 -9.50 6.91 14.44
N SER A 255 -10.24 7.10 13.34
CA SER A 255 -11.19 8.21 13.26
C SER A 255 -12.24 7.94 14.36
N LYS A 256 -12.67 6.68 14.50
CA LYS A 256 -13.66 6.35 15.52
C LYS A 256 -13.12 6.57 16.93
N MET A 257 -11.87 6.21 17.16
N MET A 257 -11.87 6.21 17.16
CA MET A 257 -11.29 6.40 18.48
CA MET A 257 -11.28 6.42 18.49
C MET A 257 -11.23 7.91 18.79
C MET A 257 -11.22 7.90 18.80
N ALA A 258 -10.88 8.72 17.80
CA ALA A 258 -10.82 10.17 18.02
C ALA A 258 -12.22 10.68 18.41
N TYR A 259 -13.21 10.22 17.66
CA TYR A 259 -14.63 10.58 17.85
C TYR A 259 -15.11 10.17 19.24
N ASP A 260 -14.65 9.01 19.69
CA ASP A 260 -15.08 8.48 20.98
C ASP A 260 -14.27 8.91 22.22
N GLY A 261 -13.22 9.70 22.01
CA GLY A 261 -12.40 10.19 23.11
C GLY A 261 -11.25 9.27 23.50
N SER A 262 -11.04 8.21 22.73
CA SER A 262 -9.98 7.26 23.07
C SER A 262 -8.80 7.31 22.10
N PHE A 263 -8.61 8.45 21.43
CA PHE A 263 -7.50 8.61 20.48
C PHE A 263 -6.22 8.22 21.22
N PRO A 264 -5.45 7.26 20.66
CA PRO A 264 -4.19 6.81 21.29
C PRO A 264 -3.02 7.70 20.90
N GLY A 265 -3.15 8.98 21.23
CA GLY A 265 -2.13 9.95 20.87
C GLY A 265 -0.75 9.54 21.37
N GLY A 266 0.25 9.79 20.52
CA GLY A 266 1.63 9.49 20.84
C GLY A 266 2.07 8.07 20.52
N GLN A 267 1.16 7.26 20.00
CA GLN A 267 1.46 5.87 19.71
C GLN A 267 1.60 5.61 18.22
N SER A 268 2.43 4.60 17.92
CA SER A 268 2.62 4.11 16.56
C SER A 268 1.85 2.80 16.68
N ILE A 269 0.97 2.55 15.72
CA ILE A 269 0.18 1.34 15.73
C ILE A 269 0.58 0.56 14.49
N MET A 270 0.98 -0.70 14.67
CA MET A 270 1.40 -1.56 13.57
C MET A 270 0.25 -2.44 13.11
N PHE A 271 -0.09 -2.31 11.83
CA PHE A 271 -1.18 -3.09 11.25
C PHE A 271 -0.45 -4.16 10.43
N GLY A 272 -0.49 -5.41 10.89
CA GLY A 272 0.23 -6.45 10.19
C GLY A 272 -0.57 -7.66 9.77
N LEU A 273 0.17 -8.71 9.43
CA LEU A 273 -0.41 -9.94 8.97
C LEU A 273 -1.26 -10.55 10.07
N GLU A 274 -0.81 -10.51 11.31
CA GLU A 274 -1.64 -11.14 12.33
C GLU A 274 -2.97 -10.44 12.59
N ASP A 275 -3.05 -9.15 12.25
CA ASP A 275 -4.28 -8.39 12.42
C ASP A 275 -5.07 -8.46 11.12
N LYS A 276 -4.53 -9.17 10.13
CA LYS A 276 -5.17 -9.29 8.82
C LYS A 276 -5.26 -7.94 8.12
N ALA A 277 -4.35 -7.04 8.46
CA ALA A 277 -4.32 -5.70 7.85
C ALA A 277 -3.53 -5.69 6.54
N VAL A 278 -2.76 -6.74 6.30
CA VAL A 278 -2.03 -6.90 5.05
C VAL A 278 -2.11 -8.38 4.73
N GLY A 279 -1.83 -8.74 3.48
CA GLY A 279 -1.89 -10.13 3.09
C GLY A 279 -2.54 -10.24 1.72
N ILE A 280 -3.15 -11.38 1.43
CA ILE A 280 -3.80 -11.56 0.14
C ILE A 280 -5.32 -11.61 0.33
N PRO A 281 -6.08 -11.45 -0.75
CA PRO A 281 -7.54 -11.51 -0.62
C PRO A 281 -8.01 -12.87 -0.08
N GLU A 282 -9.23 -12.93 0.44
CA GLU A 282 -9.70 -14.23 0.94
C GLU A 282 -9.92 -15.20 -0.20
N GLU A 283 -10.39 -14.70 -1.34
CA GLU A 283 -10.63 -15.50 -2.52
C GLU A 283 -9.65 -15.12 -3.63
N ASN A 284 -9.04 -16.12 -4.28
CA ASN A 284 -8.07 -15.88 -5.36
C ASN A 284 -8.27 -16.86 -6.52
N PRO A 285 -9.11 -16.51 -7.50
CA PRO A 285 -9.39 -17.36 -8.65
C PRO A 285 -8.16 -17.82 -9.40
N ASN A 286 -7.11 -16.99 -9.43
CA ASN A 286 -5.91 -17.38 -10.17
C ASN A 286 -4.85 -18.15 -9.36
N LEU A 287 -5.14 -18.44 -8.09
CA LEU A 287 -4.19 -19.19 -7.26
C LEU A 287 -4.79 -20.56 -6.96
N SER A 288 -4.03 -21.62 -7.23
CA SER A 288 -4.51 -22.98 -6.99
C SER A 288 -4.53 -23.30 -5.51
N SER A 289 -5.22 -24.39 -5.16
CA SER A 289 -5.31 -24.84 -3.77
C SER A 289 -3.91 -25.13 -3.23
N ALA A 290 -3.07 -25.73 -4.07
CA ALA A 290 -1.71 -26.06 -3.64
C ALA A 290 -0.94 -24.80 -3.28
N VAL A 291 -1.01 -23.82 -4.17
CA VAL A 291 -0.31 -22.57 -3.93
C VAL A 291 -0.86 -21.90 -2.67
N MET A 292 -2.17 -21.86 -2.52
CA MET A 292 -2.78 -21.26 -1.33
C MET A 292 -2.34 -21.95 -0.03
N GLU A 293 -2.21 -23.26 -0.05
CA GLU A 293 -1.80 -23.94 1.18
C GLU A 293 -0.36 -23.55 1.53
N LYS A 294 0.50 -23.43 0.52
CA LYS A 294 1.89 -23.02 0.73
C LYS A 294 1.89 -21.62 1.33
N ILE A 295 1.12 -20.72 0.73
CA ILE A 295 1.05 -19.36 1.23
C ILE A 295 0.54 -19.29 2.67
N ARG A 296 -0.53 -20.03 2.96
CA ARG A 296 -1.05 -20.02 4.31
C ARG A 296 -0.03 -20.56 5.33
N SER A 297 0.76 -21.52 4.90
N SER A 297 0.76 -21.53 4.90
CA SER A 297 1.78 -22.11 5.77
CA SER A 297 1.79 -22.11 5.76
C SER A 297 2.83 -21.07 6.16
C SER A 297 2.82 -21.07 6.16
N PHE A 298 3.29 -20.30 5.17
CA PHE A 298 4.29 -19.28 5.45
C PHE A 298 3.66 -18.21 6.30
N GLU A 299 2.41 -17.89 6.02
CA GLU A 299 1.71 -16.85 6.76
C GLU A 299 1.69 -17.18 8.26
N GLU A 300 1.47 -18.44 8.59
CA GLU A 300 1.41 -18.82 9.99
C GLU A 300 2.78 -18.73 10.68
N LYS A 301 3.83 -19.07 9.93
CA LYS A 301 5.18 -18.99 10.46
C LYS A 301 5.56 -17.54 10.66
N ILE A 302 5.11 -16.65 9.78
CA ILE A 302 5.43 -15.25 10.02
C ILE A 302 4.68 -14.69 11.24
N VAL A 303 3.40 -14.99 11.37
CA VAL A 303 2.62 -14.46 12.47
C VAL A 303 3.17 -14.88 13.83
N SER A 304 3.59 -16.14 13.94
CA SER A 304 4.12 -16.66 15.18
C SER A 304 5.58 -16.25 15.43
N LYS A 305 6.20 -15.65 14.43
CA LYS A 305 7.58 -15.20 14.48
C LYS A 305 8.63 -16.29 14.27
N GLU A 306 8.19 -17.44 13.75
CA GLU A 306 9.11 -18.52 13.45
C GLU A 306 9.95 -18.04 12.27
N ILE A 307 9.39 -17.12 11.50
CA ILE A 307 10.07 -16.52 10.35
C ILE A 307 9.96 -15.02 10.56
N VAL A 308 11.08 -14.30 10.47
CA VAL A 308 11.00 -12.85 10.58
C VAL A 308 11.43 -12.32 9.20
N VAL A 309 10.56 -11.51 8.63
CA VAL A 309 10.77 -10.96 7.30
C VAL A 309 11.65 -9.71 7.38
N PRO A 310 12.68 -9.63 6.52
CA PRO A 310 13.52 -8.44 6.61
C PRO A 310 12.82 -7.17 6.22
N VAL A 311 13.40 -6.04 6.61
CA VAL A 311 12.83 -4.75 6.28
C VAL A 311 13.58 -4.10 5.11
N ARG A 312 14.72 -4.67 4.74
CA ARG A 312 15.49 -4.17 3.60
C ARG A 312 15.96 -5.35 2.72
N SER A 313 15.88 -5.19 1.40
CA SER A 313 16.30 -6.29 0.52
C SER A 313 17.82 -6.49 0.53
N ALA A 314 18.27 -7.62 0.01
CA ALA A 314 19.70 -7.93 -0.04
C ALA A 314 20.53 -6.84 -0.73
N ARG A 315 20.04 -6.29 -1.82
CA ARG A 315 20.82 -5.29 -2.51
C ARG A 315 20.90 -3.96 -1.80
N MET A 316 20.07 -3.78 -0.77
CA MET A 316 20.02 -2.55 0.00
C MET A 316 20.65 -2.73 1.40
N MET A 317 21.19 -3.90 1.66
CA MET A 317 21.80 -4.16 2.96
C MET A 317 23.30 -4.12 2.81
N ASN A 318 24.01 -3.81 3.89
CA ASN A 318 25.46 -3.79 3.81
C ASN A 318 25.94 -5.23 3.67
O5' GMP B . 0.51 1.74 -3.90
C5' GMP B . 1.51 1.06 -3.15
C4' GMP B . 2.01 1.90 -1.96
O4' GMP B . 2.58 3.13 -2.44
C3' GMP B . 0.85 2.37 -1.07
O3' GMP B . 0.53 1.35 -0.11
C2' GMP B . 1.53 3.54 -0.34
O2' GMP B . 2.47 3.05 0.61
C1' GMP B . 2.29 4.18 -1.50
N9 GMP B . 1.47 5.19 -2.22
C8 GMP B . 0.58 4.98 -3.18
N7 GMP B . 0.11 6.16 -3.61
C5 GMP B . 0.70 7.12 -2.90
C6 GMP B . 0.63 8.51 -2.90
O6 GMP B . -0.15 9.12 -3.62
N1 GMP B . 1.45 9.23 -2.02
C2 GMP B . 2.32 8.54 -1.16
N2 GMP B . 3.10 9.22 -0.33
N3 GMP B . 2.35 7.20 -1.19
C4 GMP B . 1.57 6.50 -2.02
#